data_1W9M
#
_entry.id   1W9M
#
_cell.length_a   64.270
_cell.length_b   66.843
_cell.length_c   134.764
_cell.angle_alpha   90.00
_cell.angle_beta   90.00
_cell.angle_gamma   90.00
#
_symmetry.space_group_name_H-M   'P 21 21 21'
#
loop_
_entity.id
_entity.type
_entity.pdbx_description
1 polymer 'HYDROXYLAMINE REDUCTASE'
2 non-polymer 'IRON/SULFUR CLUSTER'
3 non-polymer 'FE-S-O HYBRID CLUSTER'
4 water water
#
_entity_poly.entity_id   1
_entity_poly.type   'polypeptide(L)'
_entity_poly.pdbx_seq_one_letter_code
;MFCFQCQETAKNTGCTVKGMCGKPEETANLQDLLIFVLRGIAIYGEKLKELGQPDRSNDDFVLQGLFATITNANWDDARF
EAMISEGLARRDKLRNAFLAVYKAKNGKDFSEPLPEAATWTGDSTAFAEKAKSVGILATENEDVRSLRELLIIGLKGVAA
YAEHAAVLGFRKTEIDEFMLEALASTTKDLSVDEMVALVMKAGGMAVTTMALLDEANTTTYGNPEITQVNIGVGKNPGIL
ISGHDLKDMAELLKQTEGTGVDVYTHGEMLPANYYPAFKKYPHFVGNYGGSWWQQNPEFESFNGPILLTTNCLVPLKKEN
TYLDRLYTTGVVGYEGAKHIADRPAGGAKDFSALIAQAKKCPPPVEIETGSIVGGFAHHQVLALADKVVEAVKSGAIKRF
VVMAG(CSS)DGRQKSRSYYTEVAENLPKDTVILTAGCAKYRYNKLNLGDIGGIPRVLDAGQCNDSYSLAVIALKLKEVF
GLDDINDLPVSYDIAWYEQKAVAVLLALLFLGVKGIRLGPTLPAFLSPNVAKVLVENFNIKPIGTVQDDIAAMMAGK
;
_entity_poly.pdbx_strand_id   A
#
# COMPACT_ATOMS: atom_id res chain seq x y z
N MET A 1 17.93 12.36 -11.79
CA MET A 1 17.37 11.35 -10.88
C MET A 1 16.92 10.15 -11.69
N PHE A 2 16.51 9.06 -11.02
CA PHE A 2 15.87 7.98 -11.75
C PHE A 2 14.94 7.22 -10.80
N CYS A 3 13.65 7.24 -11.16
CA CYS A 3 12.65 6.52 -10.35
C CYS A 3 11.61 6.00 -11.32
N PHE A 4 11.21 4.73 -11.18
CA PHE A 4 10.18 4.18 -12.07
C PHE A 4 9.18 3.31 -11.30
N GLN A 5 9.06 3.48 -9.98
CA GLN A 5 8.32 2.49 -9.18
C GLN A 5 6.82 2.64 -9.21
N CYS A 6 6.25 3.69 -9.79
CA CYS A 6 4.78 3.78 -9.83
C CYS A 6 4.27 3.83 -11.27
N GLN A 7 2.97 3.63 -11.37
CA GLN A 7 2.32 3.54 -12.69
C GLN A 7 2.53 4.82 -13.47
N GLU A 8 2.60 5.96 -12.81
CA GLU A 8 2.60 7.27 -13.49
C GLU A 8 4.00 7.69 -13.92
N THR A 9 4.97 6.79 -13.83
CA THR A 9 6.33 7.16 -14.23
C THR A 9 6.39 7.71 -15.66
N ALA A 10 7.27 8.71 -15.83
CA ALA A 10 7.27 9.48 -17.08
C ALA A 10 7.50 8.55 -18.28
N LYS A 11 6.70 8.77 -19.32
CA LYS A 11 6.78 8.01 -20.56
C LYS A 11 6.67 6.51 -20.32
N ASN A 12 6.07 6.10 -19.21
CA ASN A 12 6.04 4.69 -18.79
C ASN A 12 7.43 4.05 -18.85
N THR A 13 8.44 4.87 -18.54
CA THR A 13 9.84 4.46 -18.64
C THR A 13 10.64 4.83 -17.41
N GLY A 14 10.49 6.06 -16.92
CA GLY A 14 11.26 6.50 -15.77
C GLY A 14 11.23 8.00 -15.61
N CYS A 15 11.18 8.49 -14.39
CA CYS A 15 11.26 9.91 -14.10
C CYS A 15 12.74 10.27 -13.94
N THR A 16 13.19 11.19 -14.80
CA THR A 16 14.60 11.49 -14.86
C THR A 16 14.96 12.91 -14.41
N VAL A 17 13.95 13.78 -14.35
CA VAL A 17 14.28 15.15 -13.99
C VAL A 17 13.58 15.56 -12.72
N LYS A 18 12.28 15.38 -12.73
CA LYS A 18 11.41 15.64 -11.60
C LYS A 18 10.28 14.63 -11.67
N GLY A 19 9.87 14.06 -10.53
CA GLY A 19 8.86 13.03 -10.66
C GLY A 19 7.52 13.54 -11.14
N MET A 20 6.77 12.68 -11.85
CA MET A 20 5.40 13.04 -12.22
C MET A 20 4.54 13.24 -10.96
N CYS A 21 4.91 12.60 -9.85
CA CYS A 21 4.22 12.77 -8.56
C CYS A 21 4.55 14.11 -7.92
N GLY A 22 5.64 14.74 -8.40
CA GLY A 22 6.14 15.95 -7.74
C GLY A 22 7.52 15.74 -7.09
N LYS A 23 8.03 14.52 -6.98
CA LYS A 23 9.26 14.29 -6.20
C LYS A 23 10.47 14.92 -6.88
N PRO A 24 11.10 15.86 -6.22
CA PRO A 24 12.28 16.49 -6.88
C PRO A 24 13.51 15.60 -6.81
N GLU A 25 14.47 15.96 -7.63
CA GLU A 25 15.76 15.31 -7.68
C GLU A 25 16.36 15.01 -6.32
N GLU A 26 16.41 16.03 -5.47
CA GLU A 26 17.11 15.83 -4.22
C GLU A 26 16.43 14.77 -3.34
N THR A 27 15.10 14.83 -3.33
CA THR A 27 14.31 13.86 -2.54
C THR A 27 14.43 12.45 -3.10
N ALA A 28 14.33 12.35 -4.42
CA ALA A 28 14.45 11.06 -5.07
C ALA A 28 15.80 10.43 -4.72
N ASN A 29 16.84 11.26 -4.81
CA ASN A 29 18.19 10.72 -4.59
C ASN A 29 18.36 10.32 -3.11
N LEU A 30 17.84 11.15 -2.18
CA LEU A 30 17.92 10.77 -0.76
C LEU A 30 17.21 9.43 -0.49
N GLN A 31 16.07 9.21 -1.16
CA GLN A 31 15.40 7.90 -0.96
C GLN A 31 16.30 6.77 -1.45
N ASP A 32 16.99 7.01 -2.59
CA ASP A 32 17.94 5.96 -3.06
C ASP A 32 19.05 5.70 -2.03
N LEU A 33 19.57 6.77 -1.43
CA LEU A 33 20.63 6.60 -0.41
C LEU A 33 20.12 5.84 0.80
N LEU A 34 18.84 6.10 1.18
CA LEU A 34 18.30 5.35 2.32
C LEU A 34 18.21 3.87 2.00
N ILE A 35 17.76 3.54 0.80
CA ILE A 35 17.65 2.11 0.45
C ILE A 35 19.04 1.49 0.43
N PHE A 36 20.03 2.20 -0.09
CA PHE A 36 21.43 1.72 -0.03
C PHE A 36 21.83 1.42 1.41
N VAL A 37 21.55 2.31 2.37
CA VAL A 37 21.93 2.05 3.76
C VAL A 37 21.14 0.85 4.30
N LEU A 38 19.86 0.70 3.94
CA LEU A 38 19.08 -0.45 4.35
C LEU A 38 19.69 -1.76 3.81
N ARG A 39 20.26 -1.73 2.58
CA ARG A 39 20.94 -2.92 2.07
C ARG A 39 22.15 -3.26 2.97
N GLY A 40 22.86 -2.23 3.45
CA GLY A 40 24.00 -2.45 4.32
C GLY A 40 23.56 -3.06 5.64
N ILE A 41 22.46 -2.56 6.22
CA ILE A 41 21.92 -3.21 7.43
C ILE A 41 21.60 -4.66 7.13
N ALA A 42 20.96 -4.89 5.98
CA ALA A 42 20.53 -6.24 5.61
C ALA A 42 21.73 -7.19 5.49
N ILE A 43 22.83 -6.71 4.89
CA ILE A 43 23.99 -7.62 4.72
C ILE A 43 24.43 -8.16 6.07
N TYR A 44 24.61 -7.29 7.07
CA TYR A 44 25.07 -7.79 8.39
C TYR A 44 23.94 -8.52 9.13
N GLY A 45 22.69 -8.05 9.05
CA GLY A 45 21.60 -8.72 9.74
C GLY A 45 21.34 -10.11 9.22
N GLU A 46 21.52 -10.36 7.93
CA GLU A 46 21.39 -11.68 7.37
C GLU A 46 22.56 -12.53 7.85
N LYS A 47 23.78 -11.97 7.82
CA LYS A 47 24.89 -12.78 8.33
C LYS A 47 24.71 -13.19 9.80
N LEU A 48 24.19 -12.29 10.63
CA LEU A 48 24.02 -12.63 12.03
C LEU A 48 22.98 -13.76 12.21
N LYS A 49 21.90 -13.68 11.44
CA LYS A 49 20.96 -14.81 11.45
C LYS A 49 21.65 -16.11 11.02
N GLU A 50 22.47 -16.04 9.95
CA GLU A 50 23.14 -17.28 9.46
C GLU A 50 24.07 -17.88 10.50
N LEU A 51 24.67 -17.04 11.32
CA LEU A 51 25.57 -17.51 12.39
C LEU A 51 24.81 -18.02 13.60
N GLY A 52 23.46 -17.91 13.54
CA GLY A 52 22.69 -18.37 14.68
C GLY A 52 22.52 -17.31 15.75
N GLN A 53 22.83 -16.05 15.44
CA GLN A 53 22.65 -15.01 16.46
C GLN A 53 21.91 -13.82 15.87
N PRO A 54 20.66 -14.07 15.51
CA PRO A 54 19.91 -13.02 14.84
C PRO A 54 19.67 -11.84 15.78
N ASP A 55 19.68 -10.69 15.15
CA ASP A 55 19.43 -9.42 15.83
C ASP A 55 18.23 -8.79 15.12
N ARG A 56 17.14 -8.62 15.86
CA ARG A 56 15.90 -8.12 15.29
C ARG A 56 15.65 -6.67 15.74
N SER A 57 16.66 -6.00 16.29
CA SER A 57 16.43 -4.69 16.89
C SER A 57 16.15 -3.61 15.85
N ASN A 58 16.39 -3.88 14.57
CA ASN A 58 16.14 -2.91 13.51
C ASN A 58 14.86 -3.23 12.77
N ASP A 59 14.05 -4.19 13.26
CA ASP A 59 12.86 -4.56 12.45
C ASP A 59 11.97 -3.38 12.08
N ASP A 60 11.61 -2.55 13.07
CA ASP A 60 10.69 -1.47 12.76
C ASP A 60 11.36 -0.39 11.91
N PHE A 61 12.65 -0.12 12.23
CA PHE A 61 13.36 0.89 11.41
C PHE A 61 13.35 0.50 9.94
N VAL A 62 13.60 -0.79 9.66
CA VAL A 62 13.60 -1.26 8.29
C VAL A 62 12.24 -1.12 7.62
N LEU A 63 11.18 -1.53 8.34
CA LEU A 63 9.86 -1.36 7.72
C LEU A 63 9.52 0.10 7.39
N GLN A 64 9.83 0.94 8.40
CA GLN A 64 9.51 2.34 8.26
C GLN A 64 10.35 3.00 7.19
N GLY A 65 11.63 2.59 7.09
CA GLY A 65 12.50 3.18 6.06
C GLY A 65 11.99 2.83 4.66
N LEU A 66 11.62 1.57 4.46
CA LEU A 66 11.10 1.19 3.16
C LEU A 66 9.79 1.94 2.85
N PHE A 67 8.86 1.96 3.81
CA PHE A 67 7.57 2.63 3.66
C PHE A 67 7.75 4.10 3.31
N ALA A 68 8.73 4.75 3.94
CA ALA A 68 8.91 6.19 3.67
C ALA A 68 9.28 6.49 2.24
N THR A 69 9.76 5.46 1.51
CA THR A 69 10.16 5.68 0.13
C THR A 69 9.06 5.27 -0.88
N ILE A 70 7.89 4.88 -0.37
CA ILE A 70 6.73 4.62 -1.24
C ILE A 70 6.20 5.89 -1.85
N THR A 71 5.64 5.76 -3.04
CA THR A 71 5.08 6.93 -3.73
C THR A 71 4.10 7.72 -2.83
N ASN A 72 4.32 9.04 -2.79
CA ASN A 72 3.48 9.98 -2.08
C ASN A 72 3.45 9.76 -0.56
N ALA A 73 4.51 9.14 -0.01
CA ALA A 73 4.58 8.92 1.44
C ALA A 73 5.31 10.06 2.15
N ASN A 74 6.51 10.43 1.72
CA ASN A 74 7.30 11.37 2.55
C ASN A 74 8.11 12.24 1.61
N TRP A 75 7.93 13.54 1.84
CA TRP A 75 8.48 14.60 0.99
C TRP A 75 9.52 15.43 1.71
N ASP A 76 9.84 15.05 2.95
CA ASP A 76 10.65 15.89 3.84
C ASP A 76 12.11 15.44 3.79
N ASP A 77 12.92 16.20 3.04
CA ASP A 77 14.32 15.77 2.93
C ASP A 77 15.00 15.63 4.29
N ALA A 78 14.62 16.46 5.26
CA ALA A 78 15.30 16.35 6.57
C ALA A 78 14.97 15.01 7.21
N ARG A 79 13.75 14.47 6.99
CA ARG A 79 13.41 13.15 7.52
C ARG A 79 14.29 12.10 6.86
N PHE A 80 14.53 12.20 5.54
CA PHE A 80 15.38 11.18 4.93
C PHE A 80 16.80 11.34 5.46
N GLU A 81 17.31 12.55 5.61
CA GLU A 81 18.70 12.68 6.16
C GLU A 81 18.77 12.05 7.55
N ALA A 82 17.74 12.30 8.39
CA ALA A 82 17.76 11.70 9.73
C ALA A 82 17.75 10.19 9.64
N MET A 83 16.90 9.62 8.73
CA MET A 83 16.87 8.16 8.63
C MET A 83 18.16 7.57 8.09
N ILE A 84 18.78 8.27 7.18
CA ILE A 84 20.09 7.78 6.65
C ILE A 84 21.11 7.78 7.78
N SER A 85 21.19 8.88 8.54
CA SER A 85 22.20 8.96 9.61
C SER A 85 21.97 7.87 10.64
N GLU A 86 20.69 7.69 11.01
CA GLU A 86 20.34 6.68 12.01
C GLU A 86 20.60 5.30 11.44
N GLY A 87 20.29 5.10 10.15
CA GLY A 87 20.58 3.82 9.48
C GLY A 87 22.04 3.49 9.47
N LEU A 88 22.93 4.46 9.22
CA LEU A 88 24.37 4.19 9.28
C LEU A 88 24.77 3.75 10.67
N ALA A 89 24.21 4.41 11.72
CA ALA A 89 24.58 4.03 13.08
C ALA A 89 24.10 2.62 13.42
N ARG A 90 22.86 2.31 12.99
CA ARG A 90 22.34 0.94 13.25
C ARG A 90 23.16 -0.09 12.51
N ARG A 91 23.52 0.27 11.26
CA ARG A 91 24.34 -0.65 10.48
C ARG A 91 25.68 -0.92 11.15
N ASP A 92 26.32 0.13 11.62
CA ASP A 92 27.64 -0.10 12.24
C ASP A 92 27.51 -0.90 13.51
N LYS A 93 26.41 -0.77 14.26
CA LYS A 93 26.21 -1.61 15.45
C LYS A 93 26.14 -3.06 15.03
N LEU A 94 25.36 -3.34 13.97
CA LEU A 94 25.29 -4.72 13.49
C LEU A 94 26.65 -5.20 13.00
N ARG A 95 27.38 -4.34 12.28
CA ARG A 95 28.70 -4.75 11.80
C ARG A 95 29.61 -5.16 12.96
N ASN A 96 29.66 -4.32 14.01
CA ASN A 96 30.57 -4.65 15.13
C ASN A 96 30.14 -5.93 15.84
N ALA A 97 28.80 -6.15 15.95
CA ALA A 97 28.35 -7.42 16.56
C ALA A 97 28.72 -8.59 15.68
N PHE A 98 28.53 -8.45 14.36
CA PHE A 98 28.91 -9.49 13.42
C PHE A 98 30.41 -9.75 13.46
N LEU A 99 31.26 -8.75 13.44
CA LEU A 99 32.72 -9.00 13.46
C LEU A 99 33.09 -9.85 14.67
N ALA A 100 32.51 -9.55 15.84
CA ALA A 100 32.88 -10.29 17.06
C ALA A 100 32.38 -11.72 17.02
N VAL A 101 31.15 -11.93 16.54
CA VAL A 101 30.63 -13.31 16.47
C VAL A 101 31.39 -14.11 15.41
N TYR A 102 31.66 -13.49 14.26
CA TYR A 102 32.46 -14.17 13.21
C TYR A 102 33.81 -14.57 13.79
N LYS A 103 34.51 -13.66 14.46
CA LYS A 103 35.85 -14.03 14.95
C LYS A 103 35.77 -15.18 15.94
N ALA A 104 34.75 -15.19 16.80
CA ALA A 104 34.63 -16.30 17.77
C ALA A 104 34.37 -17.62 17.08
N LYS A 105 33.54 -17.59 16.01
CA LYS A 105 33.16 -18.86 15.35
C LYS A 105 34.22 -19.38 14.40
N ASN A 106 35.07 -18.48 13.88
CA ASN A 106 36.00 -18.86 12.84
C ASN A 106 37.45 -18.78 13.29
N GLY A 107 37.75 -18.16 14.42
CA GLY A 107 39.15 -18.08 14.88
C GLY A 107 40.00 -17.13 14.09
N LYS A 108 39.42 -16.18 13.38
CA LYS A 108 40.14 -15.22 12.56
C LYS A 108 39.20 -14.04 12.29
N ASP A 109 39.75 -12.89 11.98
CA ASP A 109 38.99 -11.70 11.64
C ASP A 109 38.25 -11.93 10.33
N PHE A 110 37.04 -11.40 10.25
CA PHE A 110 36.39 -11.30 8.95
C PHE A 110 37.23 -10.51 7.97
N SER A 111 37.42 -11.09 6.77
CA SER A 111 38.18 -10.35 5.72
C SER A 111 37.59 -10.58 4.33
N GLU A 112 36.34 -10.97 4.19
CA GLU A 112 35.77 -11.14 2.85
C GLU A 112 35.37 -9.81 2.19
N PRO A 113 35.42 -9.72 0.86
CA PRO A 113 34.97 -8.49 0.21
C PRO A 113 33.48 -8.26 0.50
N LEU A 114 33.12 -7.02 0.76
CA LEU A 114 31.70 -6.63 1.00
C LEU A 114 31.26 -5.55 0.03
N PRO A 115 29.99 -5.51 -0.38
CA PRO A 115 29.48 -4.41 -1.19
C PRO A 115 29.62 -3.07 -0.46
N GLU A 116 29.70 -1.99 -1.22
CA GLU A 116 29.85 -0.68 -0.61
C GLU A 116 28.77 -0.30 0.36
N ALA A 117 27.54 -0.81 0.14
CA ALA A 117 26.43 -0.50 1.06
C ALA A 117 26.76 -0.88 2.49
N ALA A 118 27.65 -1.86 2.66
CA ALA A 118 28.02 -2.37 3.99
C ALA A 118 29.07 -1.49 4.64
N THR A 119 29.79 -0.67 3.88
CA THR A 119 30.94 -0.03 4.48
C THR A 119 30.98 1.47 4.29
N TRP A 120 30.32 2.02 3.28
CA TRP A 120 30.41 3.48 3.07
C TRP A 120 29.86 4.24 4.27
N THR A 121 30.50 5.38 4.58
CA THR A 121 29.87 6.27 5.55
C THR A 121 30.20 7.71 5.24
N GLY A 122 29.42 8.64 5.77
CA GLY A 122 29.64 10.07 5.59
C GLY A 122 28.72 10.83 6.51
N ASP A 123 29.02 12.12 6.71
CA ASP A 123 28.06 12.91 7.47
C ASP A 123 27.01 13.42 6.48
N SER A 124 26.03 14.20 6.98
CA SER A 124 24.91 14.50 6.07
C SER A 124 25.36 15.35 4.89
N THR A 125 26.48 16.10 5.01
CA THR A 125 26.94 16.92 3.89
C THR A 125 27.34 16.07 2.70
N ALA A 126 27.73 14.83 2.94
CA ALA A 126 28.14 13.91 1.90
C ALA A 126 26.97 13.22 1.23
N PHE A 127 25.76 13.32 1.79
CA PHE A 127 24.67 12.51 1.28
C PHE A 127 24.27 12.87 -0.15
N ALA A 128 24.11 14.15 -0.45
CA ALA A 128 23.54 14.48 -1.75
C ALA A 128 24.39 13.94 -2.90
N GLU A 129 25.72 14.03 -2.75
CA GLU A 129 26.58 13.59 -3.85
C GLU A 129 26.65 12.08 -3.96
N LYS A 130 26.78 11.42 -2.81
CA LYS A 130 26.85 9.97 -2.81
C LYS A 130 25.56 9.38 -3.38
N ALA A 131 24.42 9.99 -2.99
CA ALA A 131 23.11 9.50 -3.42
C ALA A 131 23.06 9.35 -4.95
N LYS A 132 23.76 10.21 -5.71
CA LYS A 132 23.64 10.16 -7.16
C LYS A 132 24.10 8.84 -7.77
N SER A 133 25.02 8.15 -7.10
CA SER A 133 25.69 7.02 -7.70
C SER A 133 25.23 5.67 -7.13
N VAL A 134 24.27 5.68 -6.17
CA VAL A 134 23.84 4.42 -5.57
C VAL A 134 22.36 4.10 -5.85
N GLY A 135 21.82 4.67 -6.94
CA GLY A 135 20.46 4.46 -7.33
C GLY A 135 20.33 3.29 -8.32
N ILE A 136 19.12 3.25 -8.90
CA ILE A 136 18.75 2.17 -9.77
C ILE A 136 19.66 1.96 -10.96
N LEU A 137 20.17 3.04 -11.55
CA LEU A 137 20.97 3.00 -12.76
C LEU A 137 22.38 2.45 -12.50
N ALA A 138 22.72 2.17 -11.23
CA ALA A 138 24.02 1.56 -10.92
C ALA A 138 24.07 0.10 -11.39
N THR A 139 22.90 -0.51 -11.62
CA THR A 139 22.82 -1.84 -12.18
C THR A 139 22.52 -1.68 -13.67
N GLU A 140 23.47 -2.07 -14.50
CA GLU A 140 23.23 -1.85 -15.91
C GLU A 140 22.55 -2.99 -16.65
N ASN A 141 22.74 -4.25 -16.19
CA ASN A 141 22.02 -5.30 -16.90
C ASN A 141 20.50 -5.13 -16.71
N GLU A 142 19.71 -4.99 -17.81
CA GLU A 142 18.28 -4.75 -17.73
C GLU A 142 17.51 -5.82 -16.97
N ASP A 143 17.86 -7.10 -17.02
CA ASP A 143 17.12 -8.19 -16.34
C ASP A 143 17.47 -8.24 -14.86
N VAL A 144 18.75 -8.03 -14.53
CA VAL A 144 19.14 -7.89 -13.11
C VAL A 144 18.46 -6.67 -12.53
N ARG A 145 18.51 -5.51 -13.23
CA ARG A 145 17.82 -4.31 -12.73
C ARG A 145 16.33 -4.59 -12.55
N SER A 146 15.68 -5.19 -13.55
CA SER A 146 14.25 -5.47 -13.46
C SER A 146 13.91 -6.39 -12.30
N LEU A 147 14.64 -7.48 -12.10
CA LEU A 147 14.26 -8.41 -11.01
C LEU A 147 14.66 -7.89 -9.65
N ARG A 148 15.76 -7.13 -9.53
CA ARG A 148 16.07 -6.53 -8.23
C ARG A 148 15.05 -5.47 -7.88
N GLU A 149 14.68 -4.62 -8.83
CA GLU A 149 13.76 -3.53 -8.47
C GLU A 149 12.36 -4.06 -8.29
N LEU A 150 11.93 -5.06 -9.10
CA LEU A 150 10.62 -5.69 -8.86
C LEU A 150 10.55 -6.24 -7.44
N LEU A 151 11.65 -6.88 -7.02
CA LEU A 151 11.71 -7.41 -5.65
C LEU A 151 11.60 -6.29 -4.63
N ILE A 152 12.37 -5.21 -4.77
CA ILE A 152 12.33 -4.13 -3.76
C ILE A 152 11.01 -3.41 -3.78
N ILE A 153 10.42 -3.23 -4.95
CA ILE A 153 9.09 -2.59 -5.04
C ILE A 153 8.03 -3.41 -4.37
N GLY A 154 7.93 -4.73 -4.66
CA GLY A 154 6.98 -5.53 -3.91
C GLY A 154 7.31 -5.57 -2.41
N LEU A 155 8.61 -5.61 -2.08
CA LEU A 155 9.01 -5.65 -0.67
C LEU A 155 8.56 -4.42 0.06
N LYS A 156 8.65 -3.23 -0.56
CA LYS A 156 8.19 -2.03 0.14
C LYS A 156 6.70 -2.13 0.41
N GLY A 157 5.97 -2.68 -0.55
CA GLY A 157 4.52 -2.86 -0.32
C GLY A 157 4.25 -3.79 0.86
N VAL A 158 4.95 -4.91 0.90
CA VAL A 158 4.86 -5.82 2.04
C VAL A 158 5.24 -5.09 3.34
N ALA A 159 6.31 -4.28 3.27
CA ALA A 159 6.73 -3.56 4.49
C ALA A 159 5.63 -2.64 5.00
N ALA A 160 4.89 -1.98 4.09
CA ALA A 160 3.82 -1.06 4.54
C ALA A 160 2.78 -1.85 5.31
N TYR A 161 2.35 -2.97 4.74
CA TYR A 161 1.34 -3.76 5.48
C TYR A 161 1.90 -4.31 6.78
N ALA A 162 3.16 -4.76 6.79
CA ALA A 162 3.80 -5.27 8.00
C ALA A 162 3.88 -4.21 9.07
N GLU A 163 4.10 -2.96 8.64
CA GLU A 163 4.18 -1.86 9.63
C GLU A 163 2.82 -1.63 10.31
N HIS A 164 1.73 -1.65 9.52
CA HIS A 164 0.40 -1.53 10.13
C HIS A 164 0.12 -2.68 11.09
N ALA A 165 0.55 -3.89 10.71
CA ALA A 165 0.36 -5.03 11.63
C ALA A 165 1.18 -4.82 12.92
N ALA A 166 2.43 -4.37 12.74
CA ALA A 166 3.33 -4.15 13.87
C ALA A 166 2.74 -3.09 14.83
N VAL A 167 2.19 -2.03 14.27
CA VAL A 167 1.56 -0.98 15.08
C VAL A 167 0.51 -1.58 15.99
N LEU A 168 -0.21 -2.58 15.46
CA LEU A 168 -1.26 -3.25 16.23
C LEU A 168 -0.74 -4.41 17.08
N GLY A 169 0.55 -4.65 17.10
CA GLY A 169 1.07 -5.70 17.99
C GLY A 169 1.21 -7.06 17.34
N PHE A 170 1.14 -7.15 16.02
CA PHE A 170 1.22 -8.39 15.26
C PHE A 170 2.47 -8.40 14.39
N ARG A 171 3.30 -9.40 14.63
CA ARG A 171 4.59 -9.52 13.94
C ARG A 171 4.87 -10.99 13.72
N LYS A 172 5.58 -11.32 12.67
CA LYS A 172 6.09 -12.66 12.44
C LYS A 172 7.56 -12.54 12.02
N THR A 173 8.41 -13.36 12.68
CA THR A 173 9.85 -13.27 12.43
C THR A 173 10.17 -13.48 10.97
N GLU A 174 9.41 -14.33 10.26
CA GLU A 174 9.75 -14.63 8.87
C GLU A 174 9.63 -13.38 7.99
N ILE A 175 8.73 -12.48 8.35
CA ILE A 175 8.56 -11.25 7.56
C ILE A 175 9.79 -10.37 7.68
N ASP A 176 10.19 -10.11 8.92
CA ASP A 176 11.32 -9.21 9.15
C ASP A 176 12.61 -9.85 8.65
N GLU A 177 12.74 -11.18 8.83
CA GLU A 177 13.89 -11.86 8.24
C GLU A 177 13.92 -11.69 6.74
N PHE A 178 12.77 -11.85 6.08
CA PHE A 178 12.74 -11.73 4.60
C PHE A 178 13.09 -10.33 4.16
N MET A 179 12.74 -9.28 4.94
CA MET A 179 13.13 -7.93 4.52
C MET A 179 14.63 -7.89 4.28
N LEU A 180 15.38 -8.52 5.20
CA LEU A 180 16.85 -8.44 5.07
C LEU A 180 17.34 -9.41 4.01
N GLU A 181 16.75 -10.62 3.91
CA GLU A 181 17.17 -11.50 2.82
C GLU A 181 16.99 -10.83 1.47
N ALA A 182 15.84 -10.20 1.26
CA ALA A 182 15.54 -9.59 -0.04
C ALA A 182 16.44 -8.38 -0.29
N LEU A 183 16.59 -7.48 0.72
CA LEU A 183 17.48 -6.32 0.52
C LEU A 183 18.88 -6.78 0.23
N ALA A 184 19.38 -7.72 1.00
CA ALA A 184 20.80 -8.14 0.81
C ALA A 184 20.95 -8.78 -0.55
N SER A 185 19.91 -9.49 -1.03
CA SER A 185 20.07 -10.21 -2.31
C SER A 185 20.42 -9.25 -3.44
N THR A 186 19.98 -7.98 -3.31
CA THR A 186 20.16 -7.03 -4.40
C THR A 186 21.60 -6.50 -4.45
N THR A 187 22.45 -6.98 -3.57
CA THR A 187 23.87 -6.64 -3.65
C THR A 187 24.66 -7.85 -4.13
N LYS A 188 23.99 -8.96 -4.44
CA LYS A 188 24.67 -10.23 -4.78
C LYS A 188 24.43 -10.55 -6.24
N ASP A 189 25.37 -11.31 -6.80
CA ASP A 189 25.29 -11.69 -8.21
C ASP A 189 24.58 -13.02 -8.28
N LEU A 190 23.31 -13.00 -8.67
CA LEU A 190 22.47 -14.19 -8.59
C LEU A 190 21.97 -14.62 -9.96
N SER A 191 21.69 -15.93 -10.10
CA SER A 191 21.13 -16.36 -11.39
C SER A 191 19.73 -15.80 -11.57
N VAL A 192 19.27 -15.79 -12.80
CA VAL A 192 17.88 -15.38 -13.06
C VAL A 192 16.95 -16.29 -12.27
N ASP A 193 17.25 -17.61 -12.21
CA ASP A 193 16.28 -18.47 -11.49
C ASP A 193 16.18 -18.03 -10.01
N GLU A 194 17.34 -17.73 -9.43
CA GLU A 194 17.38 -17.30 -8.05
C GLU A 194 16.65 -15.97 -7.88
N MET A 195 16.88 -15.02 -8.79
CA MET A 195 16.19 -13.75 -8.64
C MET A 195 14.66 -13.86 -8.81
N VAL A 196 14.21 -14.69 -9.75
CA VAL A 196 12.77 -14.92 -9.92
C VAL A 196 12.22 -15.61 -8.69
N ALA A 197 12.94 -16.59 -8.15
CA ALA A 197 12.43 -17.27 -6.96
C ALA A 197 12.26 -16.29 -5.79
N LEU A 198 13.16 -15.32 -5.65
CA LEU A 198 12.98 -14.33 -4.58
C LEU A 198 11.73 -13.48 -4.79
N VAL A 199 11.43 -13.11 -6.03
CA VAL A 199 10.18 -12.35 -6.28
C VAL A 199 8.99 -13.20 -5.90
N MET A 200 9.01 -14.51 -6.25
CA MET A 200 7.86 -15.35 -5.89
C MET A 200 7.79 -15.53 -4.36
N LYS A 201 8.96 -15.64 -3.71
CA LYS A 201 8.98 -15.71 -2.26
C LYS A 201 8.37 -14.41 -1.65
N ALA A 202 8.66 -13.28 -2.28
CA ALA A 202 8.06 -12.02 -1.85
C ALA A 202 6.54 -12.09 -1.99
N GLY A 203 6.03 -12.67 -3.10
CA GLY A 203 4.59 -12.87 -3.21
C GLY A 203 4.07 -13.74 -2.07
N GLY A 204 4.77 -14.82 -1.70
CA GLY A 204 4.28 -15.61 -0.57
C GLY A 204 4.34 -14.84 0.74
N MET A 205 5.34 -13.96 0.90
CA MET A 205 5.38 -13.15 2.12
C MET A 205 4.32 -12.04 2.09
N ALA A 206 3.92 -11.62 0.90
CA ALA A 206 2.79 -10.70 0.80
C ALA A 206 1.52 -11.41 1.28
N VAL A 207 1.36 -12.70 0.90
CA VAL A 207 0.22 -13.43 1.46
C VAL A 207 0.28 -13.47 2.99
N THR A 208 1.44 -13.84 3.53
CA THR A 208 1.61 -13.92 4.99
C THR A 208 1.29 -12.60 5.66
N THR A 209 1.82 -11.52 5.05
CA THR A 209 1.67 -10.22 5.71
C THR A 209 0.28 -9.69 5.57
N MET A 210 -0.35 -9.85 4.38
CA MET A 210 -1.73 -9.42 4.22
C MET A 210 -2.62 -10.20 5.17
N ALA A 211 -2.35 -11.52 5.35
CA ALA A 211 -3.15 -12.29 6.32
C ALA A 211 -2.97 -11.75 7.74
N LEU A 212 -1.72 -11.41 8.07
CA LEU A 212 -1.41 -10.90 9.41
C LEU A 212 -2.11 -9.56 9.60
N LEU A 213 -2.10 -8.69 8.59
CA LEU A 213 -2.75 -7.37 8.80
C LEU A 213 -4.26 -7.57 8.89
N ASP A 214 -4.81 -8.50 8.09
CA ASP A 214 -6.26 -8.81 8.23
C ASP A 214 -6.54 -9.28 9.65
N GLU A 215 -5.70 -10.14 10.20
CA GLU A 215 -5.88 -10.61 11.58
C GLU A 215 -5.77 -9.45 12.54
N ALA A 216 -4.80 -8.58 12.34
CA ALA A 216 -4.60 -7.45 13.26
C ALA A 216 -5.79 -6.52 13.25
N ASN A 217 -6.22 -6.14 12.05
CA ASN A 217 -7.31 -5.18 11.96
C ASN A 217 -8.60 -5.78 12.51
N THR A 218 -8.93 -7.00 12.11
CA THR A 218 -10.23 -7.55 12.54
C THR A 218 -10.21 -8.00 14.01
N THR A 219 -9.09 -8.49 14.53
CA THR A 219 -9.04 -8.86 15.98
C THR A 219 -9.21 -7.61 16.82
N THR A 220 -8.62 -6.49 16.33
CA THR A 220 -8.66 -5.27 17.17
C THR A 220 -9.95 -4.52 17.00
N TYR A 221 -10.51 -4.40 15.78
CA TYR A 221 -11.65 -3.53 15.55
C TYR A 221 -12.91 -4.25 15.08
N GLY A 222 -12.85 -5.58 15.01
CA GLY A 222 -14.03 -6.36 14.57
C GLY A 222 -13.99 -6.69 13.09
N ASN A 223 -14.87 -7.60 12.66
CA ASN A 223 -14.98 -7.87 11.22
C ASN A 223 -15.78 -6.77 10.55
N PRO A 224 -15.32 -6.24 9.42
CA PRO A 224 -16.15 -5.31 8.66
C PRO A 224 -17.51 -5.90 8.39
N GLU A 225 -18.51 -5.01 8.36
CA GLU A 225 -19.88 -5.45 8.10
C GLU A 225 -20.56 -4.44 7.18
N ILE A 226 -21.68 -4.83 6.59
CA ILE A 226 -22.43 -3.99 5.69
C ILE A 226 -22.75 -2.68 6.40
N THR A 227 -22.36 -1.59 5.74
CA THR A 227 -22.53 -0.24 6.25
C THR A 227 -22.88 0.72 5.12
N GLN A 228 -23.86 1.58 5.40
CA GLN A 228 -24.12 2.72 4.55
C GLN A 228 -23.42 3.95 5.13
N VAL A 229 -22.53 4.51 4.31
CA VAL A 229 -21.63 5.59 4.71
C VAL A 229 -22.12 6.93 4.11
N ASN A 230 -22.43 7.92 4.94
CA ASN A 230 -22.83 9.24 4.48
C ASN A 230 -21.66 9.92 3.77
N ILE A 231 -21.87 10.49 2.60
CA ILE A 231 -20.80 11.29 1.97
C ILE A 231 -21.16 12.78 1.96
N GLY A 232 -22.31 13.14 2.55
CA GLY A 232 -22.58 14.52 2.87
C GLY A 232 -21.85 14.97 4.11
N VAL A 233 -22.12 16.19 4.58
CA VAL A 233 -21.40 16.69 5.75
C VAL A 233 -22.33 17.16 6.86
N GLY A 234 -21.77 17.35 8.06
CA GLY A 234 -22.50 17.97 9.18
C GLY A 234 -22.08 19.44 9.29
N LYS A 235 -22.52 20.03 10.43
CA LYS A 235 -22.34 21.44 10.68
C LYS A 235 -21.39 21.73 11.82
N ASN A 236 -20.62 20.74 12.23
CA ASN A 236 -19.57 20.91 13.21
C ASN A 236 -18.20 21.01 12.54
N PRO A 237 -17.25 21.71 13.12
CA PRO A 237 -15.89 21.59 12.55
C PRO A 237 -15.49 20.12 12.60
N GLY A 238 -14.67 19.69 11.66
CA GLY A 238 -14.21 18.33 11.64
C GLY A 238 -12.70 18.20 11.50
N ILE A 239 -12.25 16.95 11.71
CA ILE A 239 -10.91 16.52 11.33
C ILE A 239 -11.05 15.42 10.27
N LEU A 240 -10.26 15.53 9.23
CA LEU A 240 -10.30 14.57 8.14
C LEU A 240 -9.09 13.65 8.25
N ILE A 241 -9.34 12.34 8.35
CA ILE A 241 -8.22 11.39 8.46
C ILE A 241 -8.11 10.60 7.15
N SER A 242 -6.87 10.54 6.65
CA SER A 242 -6.59 9.92 5.35
C SER A 242 -5.47 8.90 5.48
N GLY A 243 -5.23 8.14 4.40
CA GLY A 243 -4.24 7.07 4.44
C GLY A 243 -4.86 5.75 4.89
N HIS A 244 -4.15 4.98 5.73
CA HIS A 244 -4.63 3.59 5.99
C HIS A 244 -4.61 3.18 7.44
N ASP A 245 -3.96 3.92 8.35
CA ASP A 245 -3.67 3.33 9.69
C ASP A 245 -4.87 3.38 10.63
N LEU A 246 -5.36 2.19 10.98
CA LEU A 246 -6.59 2.15 11.79
C LEU A 246 -6.32 2.41 13.27
N LYS A 247 -5.08 2.21 13.75
CA LYS A 247 -4.85 2.53 15.17
C LYS A 247 -4.89 4.04 15.36
N ASP A 248 -4.32 4.79 14.39
CA ASP A 248 -4.44 6.24 14.47
C ASP A 248 -5.90 6.65 14.50
N MET A 249 -6.74 5.99 13.69
CA MET A 249 -8.18 6.25 13.71
C MET A 249 -8.77 6.00 15.08
N ALA A 250 -8.42 4.86 15.69
CA ALA A 250 -8.98 4.51 17.01
C ALA A 250 -8.65 5.60 18.03
N GLU A 251 -7.43 6.09 18.00
CA GLU A 251 -6.99 7.12 18.96
C GLU A 251 -7.65 8.44 18.60
N LEU A 252 -7.78 8.78 17.34
CA LEU A 252 -8.40 10.06 17.01
C LEU A 252 -9.86 10.05 17.45
N LEU A 253 -10.55 8.93 17.23
CA LEU A 253 -11.96 8.89 17.66
C LEU A 253 -12.08 9.06 19.16
N LYS A 254 -11.21 8.35 19.92
CA LYS A 254 -11.27 8.43 21.38
C LYS A 254 -10.98 9.84 21.86
N GLN A 255 -10.01 10.50 21.22
CA GLN A 255 -9.61 11.85 21.67
C GLN A 255 -10.59 12.91 21.30
N THR A 256 -11.33 12.70 20.23
CA THR A 256 -12.29 13.69 19.79
C THR A 256 -13.63 13.47 20.47
N GLU A 257 -13.86 12.33 21.08
CA GLU A 257 -15.18 12.10 21.65
C GLU A 257 -15.50 13.19 22.66
N GLY A 258 -16.67 13.78 22.55
CA GLY A 258 -17.18 14.74 23.52
C GLY A 258 -16.61 16.12 23.33
N THR A 259 -15.84 16.38 22.30
CA THR A 259 -15.18 17.65 22.11
C THR A 259 -15.96 18.62 21.21
N GLY A 260 -16.98 18.19 20.48
CA GLY A 260 -17.64 19.09 19.53
C GLY A 260 -16.97 19.06 18.17
N VAL A 261 -15.87 18.30 18.04
CA VAL A 261 -15.26 18.11 16.73
C VAL A 261 -15.66 16.76 16.15
N ASP A 262 -16.16 16.77 14.93
CA ASP A 262 -16.49 15.55 14.21
C ASP A 262 -15.27 14.94 13.52
N VAL A 263 -15.36 13.64 13.24
CA VAL A 263 -14.33 12.94 12.46
C VAL A 263 -14.91 12.46 11.13
N TYR A 264 -14.13 12.68 10.08
CA TYR A 264 -14.47 12.24 8.73
C TYR A 264 -13.30 11.42 8.19
N THR A 265 -13.62 10.42 7.38
CA THR A 265 -12.54 9.69 6.69
C THR A 265 -12.37 10.20 5.26
N HIS A 266 -11.21 9.86 4.68
CA HIS A 266 -10.86 10.19 3.32
C HIS A 266 -10.07 9.07 2.68
N GLY A 267 -10.29 8.81 1.39
CA GLY A 267 -9.39 7.96 0.64
C GLY A 267 -9.44 6.54 1.14
N GLU A 268 -8.27 6.04 1.55
CA GLU A 268 -8.16 4.66 2.08
C GLU A 268 -8.55 4.54 3.54
N MET A 269 -9.09 5.62 4.15
CA MET A 269 -9.70 5.47 5.47
C MET A 269 -11.21 5.21 5.35
N LEU A 270 -11.80 5.29 4.16
CA LEU A 270 -13.24 4.95 4.03
C LEU A 270 -13.57 3.64 4.74
N PRO A 271 -12.79 2.58 4.62
CA PRO A 271 -13.17 1.30 5.28
C PRO A 271 -13.19 1.37 6.80
N ALA A 272 -12.64 2.40 7.44
CA ALA A 272 -12.83 2.53 8.89
C ALA A 272 -14.32 2.59 9.26
N ASN A 273 -15.12 3.12 8.32
CA ASN A 273 -16.56 3.18 8.52
C ASN A 273 -17.19 1.81 8.69
N TYR A 274 -16.54 0.73 8.27
CA TYR A 274 -17.13 -0.60 8.21
C TYR A 274 -16.92 -1.43 9.48
N TYR A 275 -16.01 -0.92 10.34
CA TYR A 275 -15.63 -1.73 11.49
C TYR A 275 -16.52 -1.45 12.70
N PRO A 276 -17.02 -2.51 13.36
CA PRO A 276 -17.88 -2.33 14.52
C PRO A 276 -17.25 -1.43 15.57
N ALA A 277 -15.95 -1.50 15.81
CA ALA A 277 -15.35 -0.72 16.91
C ALA A 277 -15.50 0.77 16.62
N PHE A 278 -15.56 1.12 15.34
CA PHE A 278 -15.63 2.57 15.03
C PHE A 278 -17.05 3.04 14.80
N LYS A 279 -17.96 2.15 14.42
CA LYS A 279 -19.33 2.52 14.15
C LYS A 279 -20.01 3.01 15.42
N LYS A 280 -19.44 2.68 16.57
CA LYS A 280 -20.09 3.07 17.84
C LYS A 280 -19.99 4.56 18.18
N TYR A 281 -19.20 5.36 17.47
CA TYR A 281 -19.05 6.76 17.78
C TYR A 281 -19.95 7.67 16.93
N PRO A 282 -20.88 8.35 17.57
CA PRO A 282 -21.83 9.19 16.83
C PRO A 282 -21.21 10.38 16.11
N HIS A 283 -20.03 10.86 16.58
CA HIS A 283 -19.39 12.00 15.92
C HIS A 283 -18.55 11.62 14.72
N PHE A 284 -18.50 10.34 14.39
CA PHE A 284 -17.85 9.82 13.17
C PHE A 284 -18.93 9.97 12.07
N VAL A 285 -18.81 11.01 11.26
CA VAL A 285 -19.84 11.45 10.33
C VAL A 285 -19.91 10.59 9.08
N GLY A 286 -18.77 10.25 8.47
CA GLY A 286 -18.73 9.50 7.20
C GLY A 286 -17.47 9.85 6.43
N ASN A 287 -17.56 9.75 5.11
CA ASN A 287 -16.38 9.85 4.24
C ASN A 287 -16.50 11.08 3.34
N TYR A 288 -15.44 11.85 3.26
CA TYR A 288 -15.44 13.09 2.50
C TYR A 288 -14.60 12.99 1.24
N GLY A 289 -15.20 13.37 0.11
CA GLY A 289 -14.47 13.50 -1.13
C GLY A 289 -14.28 12.17 -1.88
N GLY A 290 -13.20 12.11 -2.68
CA GLY A 290 -12.99 11.03 -3.59
C GLY A 290 -11.62 10.42 -3.41
N SER A 291 -11.00 10.10 -4.52
CA SER A 291 -9.73 9.44 -4.56
C SER A 291 -8.56 10.31 -4.15
N TRP A 292 -7.41 9.70 -3.84
CA TRP A 292 -6.29 10.50 -3.31
C TRP A 292 -5.89 11.65 -4.23
N TRP A 293 -5.99 11.46 -5.55
CA TRP A 293 -5.41 12.43 -6.47
C TRP A 293 -6.28 13.70 -6.59
N GLN A 294 -7.48 13.66 -6.02
CA GLN A 294 -8.35 14.82 -5.96
C GLN A 294 -8.19 15.61 -4.69
N GLN A 295 -7.14 15.32 -3.89
CA GLN A 295 -7.15 15.91 -2.54
C GLN A 295 -6.81 17.39 -2.47
N ASN A 296 -6.16 17.98 -3.48
CA ASN A 296 -5.86 19.42 -3.31
C ASN A 296 -7.14 20.23 -3.12
N PRO A 297 -8.14 20.15 -4.03
CA PRO A 297 -9.33 20.96 -3.79
C PRO A 297 -10.15 20.44 -2.62
N GLU A 298 -10.08 19.13 -2.34
CA GLU A 298 -10.97 18.58 -1.32
C GLU A 298 -10.43 18.78 0.10
N PHE A 299 -9.11 18.68 0.28
CA PHE A 299 -8.55 19.08 1.57
C PHE A 299 -8.83 20.57 1.80
N GLU A 300 -8.72 21.37 0.73
CA GLU A 300 -9.00 22.82 0.86
C GLU A 300 -10.43 23.03 1.37
N SER A 301 -11.42 22.43 0.68
CA SER A 301 -12.83 22.68 0.99
C SER A 301 -13.28 22.01 2.27
N PHE A 302 -12.55 21.02 2.78
CA PHE A 302 -12.89 20.38 4.04
C PHE A 302 -12.85 21.38 5.18
N ASN A 303 -12.03 22.43 5.07
CA ASN A 303 -11.88 23.52 6.05
C ASN A 303 -11.23 23.14 7.39
N GLY A 304 -11.34 21.89 7.86
CA GLY A 304 -10.72 21.54 9.14
C GLY A 304 -9.36 20.90 8.95
N PRO A 305 -8.69 20.55 10.06
CA PRO A 305 -7.40 19.84 9.96
C PRO A 305 -7.53 18.52 9.16
N ILE A 306 -6.42 18.20 8.51
CA ILE A 306 -6.30 16.93 7.75
C ILE A 306 -5.13 16.18 8.34
N LEU A 307 -5.34 14.90 8.64
CA LEU A 307 -4.31 14.03 9.18
C LEU A 307 -3.97 12.94 8.19
N LEU A 308 -2.71 12.96 7.70
CA LEU A 308 -2.26 11.90 6.77
C LEU A 308 -1.55 10.82 7.59
N THR A 309 -2.13 9.62 7.64
CA THR A 309 -1.53 8.53 8.43
C THR A 309 -0.54 7.73 7.60
N THR A 310 -0.64 7.78 6.28
CA THR A 310 0.21 7.08 5.34
C THR A 310 0.15 7.88 4.03
N ASN A 311 0.80 7.33 2.99
CA ASN A 311 0.50 7.85 1.64
C ASN A 311 -1.00 7.59 1.32
N CYS A 312 -1.58 8.29 0.35
CA CYS A 312 -0.94 9.25 -0.55
C CYS A 312 -1.16 10.70 -0.10
N LEU A 313 -0.04 11.40 0.10
CA LEU A 313 -0.08 12.86 0.33
C LEU A 313 0.53 13.49 -0.90
N VAL A 314 -0.17 14.38 -1.56
CA VAL A 314 0.33 15.00 -2.79
C VAL A 314 0.78 16.43 -2.47
N PRO A 315 1.79 16.91 -3.19
CA PRO A 315 2.24 18.29 -2.91
C PRO A 315 1.11 19.31 -3.05
N LEU A 316 1.15 20.34 -2.22
CA LEU A 316 0.14 21.40 -2.35
C LEU A 316 0.30 22.19 -3.62
N LYS A 317 -0.84 22.62 -4.17
CA LYS A 317 -0.81 23.62 -5.23
C LYS A 317 -0.45 24.96 -4.59
N LYS A 318 0.07 25.88 -5.43
CA LYS A 318 0.46 27.16 -4.86
C LYS A 318 -0.69 27.94 -4.28
N GLU A 319 -1.87 27.75 -4.84
CA GLU A 319 -3.04 28.46 -4.32
C GLU A 319 -3.69 27.77 -3.12
N ASN A 320 -3.22 26.57 -2.73
CA ASN A 320 -3.84 25.93 -1.59
C ASN A 320 -3.40 26.65 -0.30
N THR A 321 -4.33 26.67 0.67
CA THR A 321 -4.11 27.42 1.93
C THR A 321 -4.10 26.48 3.13
N TYR A 322 -4.13 25.15 2.93
CA TYR A 322 -4.31 24.29 4.11
C TYR A 322 -3.02 23.81 4.75
N LEU A 323 -1.85 24.28 4.36
CA LEU A 323 -0.62 23.79 4.97
C LEU A 323 -0.67 24.00 6.48
N ASP A 324 -1.21 25.11 6.96
CA ASP A 324 -1.23 25.36 8.40
C ASP A 324 -2.16 24.43 9.18
N ARG A 325 -2.97 23.62 8.47
CA ARG A 325 -3.83 22.68 9.19
C ARG A 325 -3.60 21.26 8.66
N LEU A 326 -2.41 21.05 8.05
CA LEU A 326 -2.02 19.74 7.54
C LEU A 326 -1.10 19.05 8.54
N TYR A 327 -1.47 17.85 8.96
CA TYR A 327 -0.69 17.10 9.94
C TYR A 327 -0.30 15.77 9.31
N THR A 328 0.97 15.43 9.50
CA THR A 328 1.50 14.13 9.08
C THR A 328 1.75 13.27 10.31
N THR A 329 1.78 11.95 10.10
CA THR A 329 2.14 11.11 11.25
C THR A 329 2.68 9.80 10.66
N GLY A 330 3.23 8.93 11.50
CA GLY A 330 3.81 7.69 10.95
C GLY A 330 4.98 8.02 10.05
N VAL A 331 5.08 7.34 8.90
CA VAL A 331 6.21 7.57 7.98
C VAL A 331 5.98 8.76 7.07
N VAL A 332 4.84 9.45 7.22
CA VAL A 332 4.55 10.57 6.31
C VAL A 332 5.32 11.80 6.75
N GLY A 333 5.75 12.62 5.80
CA GLY A 333 6.41 13.89 6.17
C GLY A 333 6.22 14.87 5.04
N TYR A 334 6.18 16.13 5.39
CA TYR A 334 6.01 17.19 4.38
C TYR A 334 6.54 18.47 4.96
N GLU A 335 7.41 19.18 4.23
CA GLU A 335 7.98 20.42 4.78
C GLU A 335 6.90 21.43 5.14
N GLY A 336 6.97 21.93 6.38
CA GLY A 336 6.02 22.96 6.78
C GLY A 336 4.77 22.40 7.40
N ALA A 337 4.53 21.09 7.37
CA ALA A 337 3.36 20.46 8.00
C ALA A 337 3.70 19.97 9.39
N LYS A 338 2.81 20.07 10.32
CA LYS A 338 3.08 19.61 11.68
C LYS A 338 3.05 18.09 11.74
N HIS A 339 4.04 17.50 12.37
CA HIS A 339 4.15 16.06 12.45
C HIS A 339 3.77 15.56 13.85
N ILE A 340 2.93 14.53 13.89
CA ILE A 340 2.50 13.93 15.16
C ILE A 340 3.42 12.74 15.42
N ALA A 341 4.20 12.86 16.49
CA ALA A 341 5.22 11.89 16.83
C ALA A 341 4.69 10.48 17.09
N ASP A 342 5.57 9.50 16.90
CA ASP A 342 5.18 8.12 17.17
C ASP A 342 4.67 7.93 18.61
N ARG A 343 3.74 7.00 18.78
CA ARG A 343 3.35 6.70 20.17
C ARG A 343 4.45 5.89 20.86
N PRO A 344 4.64 6.11 22.15
CA PRO A 344 5.59 5.28 22.88
C PRO A 344 4.97 3.91 23.11
N ALA A 345 5.73 2.90 23.48
CA ALA A 345 5.13 1.59 23.71
C ALA A 345 4.11 1.67 24.85
N GLY A 346 2.91 1.13 24.61
CA GLY A 346 1.86 1.15 25.62
C GLY A 346 1.22 2.54 25.74
N GLY A 347 1.53 3.45 24.83
CA GLY A 347 0.95 4.80 24.87
C GLY A 347 0.08 5.09 23.67
N ALA A 348 -0.20 6.37 23.46
CA ALA A 348 -1.06 6.84 22.34
C ALA A 348 -0.42 8.06 21.71
N LYS A 349 -0.69 8.29 20.43
CA LYS A 349 -0.37 9.59 19.84
C LYS A 349 -1.19 10.71 20.48
N ASP A 350 -0.67 11.91 20.34
CA ASP A 350 -1.37 13.08 20.92
C ASP A 350 -1.93 13.95 19.80
N PHE A 351 -3.25 13.90 19.62
CA PHE A 351 -3.88 14.66 18.56
C PHE A 351 -4.51 15.93 19.09
N SER A 352 -4.19 16.33 20.32
CA SER A 352 -4.86 17.48 20.94
C SER A 352 -4.71 18.74 20.12
N ALA A 353 -3.58 18.93 19.43
CA ALA A 353 -3.47 20.19 18.68
C ALA A 353 -4.43 20.23 17.50
N LEU A 354 -4.75 19.06 16.92
CA LEU A 354 -5.69 19.06 15.81
C LEU A 354 -7.07 19.42 16.31
N ILE A 355 -7.38 18.92 17.51
CA ILE A 355 -8.69 19.22 18.08
C ILE A 355 -8.80 20.70 18.37
N ALA A 356 -7.77 21.29 18.97
CA ALA A 356 -7.83 22.72 19.32
C ALA A 356 -7.96 23.57 18.07
N GLN A 357 -7.23 23.20 17.02
CA GLN A 357 -7.32 23.97 15.77
C GLN A 357 -8.65 23.78 15.07
N ALA A 358 -9.18 22.55 15.11
CA ALA A 358 -10.48 22.30 14.47
C ALA A 358 -11.53 23.25 15.00
N LYS A 359 -11.45 23.59 16.30
CA LYS A 359 -12.56 24.38 16.87
C LYS A 359 -12.57 25.80 16.34
N LYS A 360 -11.49 26.18 15.68
CA LYS A 360 -11.29 27.51 15.08
C LYS A 360 -11.60 27.49 13.59
N CYS A 361 -11.99 26.33 13.07
CA CYS A 361 -12.24 26.21 11.66
C CYS A 361 -13.76 26.15 11.37
N PRO A 362 -14.14 26.60 10.17
CA PRO A 362 -15.51 26.38 9.73
C PRO A 362 -15.76 24.91 9.43
N PRO A 363 -17.04 24.54 9.37
N PRO A 363 -17.02 24.49 9.45
CA PRO A 363 -17.40 23.15 9.03
CA PRO A 363 -17.38 23.12 9.04
C PRO A 363 -17.08 22.92 7.56
N PRO A 364 -17.05 21.65 7.15
CA PRO A 364 -16.73 21.32 5.75
C PRO A 364 -17.74 21.88 4.76
N VAL A 365 -17.17 22.24 3.61
CA VAL A 365 -18.05 22.57 2.48
C VAL A 365 -18.67 21.28 1.94
N GLU A 366 -19.98 21.18 1.76
CA GLU A 366 -20.61 20.01 1.14
C GLU A 366 -20.28 19.97 -0.35
N ILE A 367 -19.62 18.91 -0.81
CA ILE A 367 -19.31 18.79 -2.23
C ILE A 367 -20.13 17.71 -2.90
N GLU A 368 -20.78 16.88 -2.09
CA GLU A 368 -21.72 15.92 -2.63
C GLU A 368 -22.62 15.44 -1.50
N THR A 369 -23.69 14.74 -1.88
CA THR A 369 -24.57 14.15 -0.86
C THR A 369 -24.86 12.70 -1.24
N GLY A 370 -25.40 11.94 -0.29
CA GLY A 370 -25.71 10.56 -0.66
C GLY A 370 -24.90 9.61 0.23
N SER A 371 -24.62 8.42 -0.32
CA SER A 371 -23.92 7.42 0.49
C SER A 371 -23.13 6.46 -0.40
N ILE A 372 -22.25 5.73 0.30
CA ILE A 372 -21.49 4.63 -0.32
C ILE A 372 -21.78 3.40 0.54
N VAL A 373 -22.05 2.23 -0.02
CA VAL A 373 -22.25 1.02 0.79
C VAL A 373 -20.98 0.15 0.69
N GLY A 374 -20.58 -0.42 1.80
CA GLY A 374 -19.38 -1.26 1.80
C GLY A 374 -19.32 -2.14 3.02
N GLY A 375 -18.21 -2.84 3.20
CA GLY A 375 -17.99 -3.68 4.37
C GLY A 375 -18.07 -5.16 4.06
N PHE A 376 -17.90 -5.53 2.79
CA PHE A 376 -17.95 -6.91 2.32
C PHE A 376 -16.57 -7.55 2.34
N ALA A 377 -16.00 -7.60 3.56
CA ALA A 377 -14.75 -8.33 3.73
C ALA A 377 -15.01 -9.81 3.94
N HIS A 378 -14.01 -10.61 4.29
CA HIS A 378 -14.23 -12.06 4.11
C HIS A 378 -15.28 -12.58 5.10
N HIS A 379 -15.30 -12.18 6.37
CA HIS A 379 -16.32 -12.75 7.25
C HIS A 379 -17.72 -12.39 6.74
N GLN A 380 -17.95 -11.15 6.32
CA GLN A 380 -19.27 -10.73 5.84
C GLN A 380 -19.67 -11.46 4.57
N VAL A 381 -18.75 -11.63 3.64
CA VAL A 381 -19.15 -12.32 2.38
C VAL A 381 -19.36 -13.80 2.64
N LEU A 382 -18.48 -14.45 3.44
CA LEU A 382 -18.73 -15.86 3.78
C LEU A 382 -20.02 -16.04 4.57
N ALA A 383 -20.44 -15.04 5.37
CA ALA A 383 -21.74 -15.11 6.04
C ALA A 383 -22.87 -15.20 5.02
N LEU A 384 -22.68 -14.63 3.85
CA LEU A 384 -23.66 -14.60 2.78
C LEU A 384 -23.38 -15.69 1.76
N ALA A 385 -22.49 -16.63 2.04
CA ALA A 385 -22.07 -17.60 1.02
C ALA A 385 -23.25 -18.35 0.43
N ASP A 386 -24.23 -18.74 1.23
CA ASP A 386 -25.31 -19.52 0.60
C ASP A 386 -26.11 -18.67 -0.37
N LYS A 387 -26.38 -17.41 -0.02
CA LYS A 387 -27.11 -16.54 -0.95
C LYS A 387 -26.30 -16.27 -2.21
N VAL A 388 -24.98 -16.10 -2.06
CA VAL A 388 -24.12 -15.79 -3.21
C VAL A 388 -24.07 -17.01 -4.10
N VAL A 389 -23.88 -18.18 -3.45
CA VAL A 389 -23.81 -19.35 -4.32
C VAL A 389 -25.15 -19.67 -4.95
N GLU A 390 -26.27 -19.47 -4.25
CA GLU A 390 -27.54 -19.64 -4.94
C GLU A 390 -27.66 -18.72 -6.15
N ALA A 391 -27.17 -17.48 -6.00
CA ALA A 391 -27.30 -16.55 -7.12
C ALA A 391 -26.45 -16.97 -8.31
N VAL A 392 -25.31 -17.59 -8.04
CA VAL A 392 -24.46 -18.11 -9.10
C VAL A 392 -25.20 -19.23 -9.79
N LYS A 393 -25.69 -20.14 -8.94
CA LYS A 393 -26.38 -21.30 -9.51
C LYS A 393 -27.63 -20.94 -10.28
N SER A 394 -28.34 -19.89 -9.86
CA SER A 394 -29.53 -19.55 -10.60
C SER A 394 -29.22 -18.74 -11.87
N GLY A 395 -27.97 -18.28 -11.95
CA GLY A 395 -27.53 -17.43 -13.05
C GLY A 395 -27.83 -15.95 -12.77
N ALA A 396 -28.42 -15.63 -11.61
CA ALA A 396 -28.64 -14.21 -11.29
C ALA A 396 -27.30 -13.47 -11.33
N ILE A 397 -26.25 -14.13 -10.88
CA ILE A 397 -24.86 -13.62 -10.92
C ILE A 397 -24.12 -14.52 -11.91
N LYS A 398 -23.80 -13.96 -13.07
CA LYS A 398 -23.07 -14.67 -14.10
C LYS A 398 -21.57 -14.66 -13.85
N ARG A 399 -21.04 -13.55 -13.36
CA ARG A 399 -19.59 -13.47 -13.21
C ARG A 399 -19.30 -12.44 -12.16
N PHE A 400 -18.18 -12.63 -11.45
CA PHE A 400 -17.59 -11.59 -10.62
C PHE A 400 -16.42 -10.95 -11.34
N VAL A 401 -16.27 -9.66 -11.23
CA VAL A 401 -15.10 -9.03 -11.82
C VAL A 401 -14.37 -8.30 -10.68
N VAL A 402 -13.17 -8.82 -10.38
CA VAL A 402 -12.35 -8.16 -9.36
C VAL A 402 -11.71 -6.91 -9.96
N MET A 403 -12.08 -5.73 -9.44
CA MET A 403 -11.52 -4.46 -9.96
C MET A 403 -10.79 -3.70 -8.86
N ALA A 404 -10.32 -4.45 -7.87
CA ALA A 404 -9.49 -3.96 -6.79
C ALA A 404 -8.18 -3.34 -7.31
N GLY A 405 -7.58 -2.59 -6.36
CA GLY A 405 -6.26 -2.03 -6.63
C GLY A 405 -6.22 -0.57 -6.22
N ASP A 407 -5.98 3.54 -7.57
CA ASP A 407 -6.32 4.57 -8.53
C ASP A 407 -5.15 5.52 -8.78
N GLY A 408 -5.31 6.35 -9.81
CA GLY A 408 -4.38 7.41 -10.11
C GLY A 408 -5.04 8.45 -11.02
N ARG A 409 -4.21 9.41 -11.47
CA ARG A 409 -4.81 10.60 -12.10
C ARG A 409 -4.84 10.54 -13.60
N GLN A 410 -4.20 9.58 -14.26
CA GLN A 410 -4.17 9.66 -15.74
C GLN A 410 -5.55 9.49 -16.36
N LYS A 411 -5.77 10.20 -17.50
CA LYS A 411 -7.09 10.15 -18.12
C LYS A 411 -7.51 8.75 -18.55
N SER A 412 -6.55 7.90 -18.89
CA SER A 412 -6.86 6.54 -19.34
C SER A 412 -7.63 5.70 -18.29
N ARG A 413 -7.59 6.15 -17.04
CA ARG A 413 -8.28 5.47 -15.95
C ARG A 413 -9.79 5.53 -16.08
N SER A 414 -10.28 6.40 -17.02
CA SER A 414 -11.74 6.36 -17.26
C SER A 414 -12.16 4.97 -17.75
N TYR A 415 -11.23 4.20 -18.32
CA TYR A 415 -11.48 2.80 -18.64
C TYR A 415 -12.23 2.08 -17.51
N TYR A 416 -11.77 2.22 -16.25
CA TYR A 416 -12.34 1.42 -15.17
C TYR A 416 -13.79 1.82 -14.90
N THR A 417 -14.08 3.13 -14.95
CA THR A 417 -15.45 3.60 -14.84
C THR A 417 -16.32 3.01 -15.94
N GLU A 418 -15.79 3.10 -17.17
CA GLU A 418 -16.51 2.62 -18.35
C GLU A 418 -16.72 1.11 -18.27
N VAL A 419 -15.72 0.36 -17.77
CA VAL A 419 -15.96 -1.09 -17.60
C VAL A 419 -17.07 -1.31 -16.59
N ALA A 420 -17.03 -0.59 -15.47
CA ALA A 420 -18.08 -0.79 -14.45
C ALA A 420 -19.46 -0.49 -14.99
N GLU A 421 -19.61 0.59 -15.72
CA GLU A 421 -20.86 1.05 -16.28
C GLU A 421 -21.39 0.12 -17.38
N ASN A 422 -20.50 -0.53 -18.11
CA ASN A 422 -20.89 -1.27 -19.32
C ASN A 422 -20.91 -2.78 -19.06
N LEU A 423 -20.46 -3.22 -17.89
CA LEU A 423 -20.56 -4.66 -17.62
C LEU A 423 -22.02 -5.11 -17.68
N PRO A 424 -22.31 -6.33 -18.09
CA PRO A 424 -23.71 -6.77 -18.05
C PRO A 424 -24.28 -6.69 -16.62
N LYS A 425 -25.60 -6.52 -16.49
CA LYS A 425 -26.25 -6.26 -15.22
C LYS A 425 -26.37 -7.48 -14.34
N ASP A 426 -25.95 -8.64 -14.81
CA ASP A 426 -25.89 -9.85 -13.98
C ASP A 426 -24.46 -10.13 -13.52
N THR A 427 -23.63 -9.07 -13.48
CA THR A 427 -22.28 -9.24 -12.95
C THR A 427 -22.12 -8.50 -11.63
N VAL A 428 -21.16 -8.94 -10.81
CA VAL A 428 -20.86 -8.24 -9.54
C VAL A 428 -19.40 -7.84 -9.54
N ILE A 429 -19.15 -6.59 -9.18
CA ILE A 429 -17.77 -6.09 -9.07
C ILE A 429 -17.30 -6.31 -7.65
N LEU A 430 -16.11 -6.90 -7.47
CA LEU A 430 -15.47 -7.05 -6.18
C LEU A 430 -14.33 -6.03 -6.10
N THR A 431 -14.29 -5.24 -5.02
CA THR A 431 -13.24 -4.23 -4.98
C THR A 431 -12.65 -4.11 -3.59
N ALA A 432 -11.51 -3.42 -3.54
CA ALA A 432 -10.70 -3.12 -2.37
C ALA A 432 -9.61 -2.13 -2.82
N GLY A 433 -9.26 -1.16 -1.99
CA GLY A 433 -8.25 -0.21 -2.42
C GLY A 433 -8.88 0.98 -3.15
N CYS A 434 -8.10 2.04 -3.33
CA CYS A 434 -8.72 3.28 -3.86
C CYS A 434 -9.11 3.15 -5.33
N ALA A 435 -8.77 2.08 -6.03
CA ALA A 435 -9.35 1.83 -7.37
C ALA A 435 -10.87 1.89 -7.33
N LYS A 436 -11.49 1.58 -6.16
CA LYS A 436 -12.95 1.67 -6.02
C LYS A 436 -13.51 3.03 -6.42
N TYR A 437 -12.73 4.12 -6.30
CA TYR A 437 -13.36 5.41 -6.49
C TYR A 437 -13.70 5.67 -7.96
N ARG A 438 -13.29 4.80 -8.87
CA ARG A 438 -13.69 4.92 -10.27
C ARG A 438 -15.13 4.44 -10.47
N TYR A 439 -15.73 3.75 -9.48
CA TYR A 439 -17.08 3.21 -9.76
C TYR A 439 -17.91 3.06 -8.49
N ASN A 440 -17.52 3.62 -7.33
CA ASN A 440 -18.30 3.40 -6.12
C ASN A 440 -19.32 4.50 -5.84
N LYS A 441 -19.48 5.43 -6.78
CA LYS A 441 -20.57 6.41 -6.63
C LYS A 441 -21.51 6.37 -7.83
N LEU A 442 -21.69 5.19 -8.40
CA LEU A 442 -22.59 4.98 -9.53
C LEU A 442 -23.91 4.50 -8.95
N ASN A 443 -24.82 4.12 -9.83
CA ASN A 443 -26.11 3.64 -9.34
C ASN A 443 -26.41 2.29 -9.99
N LEU A 444 -25.54 1.30 -9.71
CA LEU A 444 -25.60 0.00 -10.36
C LEU A 444 -26.60 -0.96 -9.71
N GLY A 445 -27.11 -0.58 -8.55
CA GLY A 445 -28.16 -1.38 -7.90
C GLY A 445 -27.59 -2.65 -7.32
N ASP A 446 -28.46 -3.63 -7.23
CA ASP A 446 -28.20 -4.92 -6.60
C ASP A 446 -28.83 -6.04 -7.42
N ILE A 447 -28.41 -7.23 -7.06
CA ILE A 447 -28.92 -8.48 -7.62
C ILE A 447 -29.46 -9.26 -6.43
N GLY A 448 -30.78 -9.32 -6.35
CA GLY A 448 -31.45 -10.02 -5.28
C GLY A 448 -30.89 -9.64 -3.93
N GLY A 449 -30.59 -8.34 -3.82
CA GLY A 449 -30.15 -7.80 -2.55
C GLY A 449 -28.65 -7.83 -2.37
N ILE A 450 -27.96 -8.44 -3.32
CA ILE A 450 -26.50 -8.34 -3.24
C ILE A 450 -26.04 -7.15 -4.09
N PRO A 451 -25.44 -6.13 -3.50
CA PRO A 451 -25.01 -4.98 -4.29
C PRO A 451 -24.09 -5.38 -5.45
N ARG A 452 -24.19 -4.62 -6.56
CA ARG A 452 -23.38 -4.96 -7.72
C ARG A 452 -21.92 -4.46 -7.58
N VAL A 453 -21.64 -3.69 -6.54
CA VAL A 453 -20.28 -3.41 -6.15
C VAL A 453 -20.12 -3.82 -4.69
N LEU A 454 -19.19 -4.74 -4.41
CA LEU A 454 -18.91 -5.21 -3.06
C LEU A 454 -17.52 -4.75 -2.64
N ASP A 455 -17.48 -3.74 -1.75
CA ASP A 455 -16.23 -3.18 -1.27
C ASP A 455 -15.75 -3.90 -0.01
N ALA A 456 -14.66 -4.65 -0.14
CA ALA A 456 -14.05 -5.37 0.96
C ALA A 456 -13.19 -4.47 1.85
N GLY A 457 -12.80 -3.27 1.34
CA GLY A 457 -12.04 -2.39 2.22
C GLY A 457 -10.83 -1.75 1.56
N GLN A 458 -9.71 -1.72 2.29
CA GLN A 458 -8.48 -1.06 1.83
C GLN A 458 -7.77 -1.94 0.80
N CYS A 459 -6.70 -1.47 0.17
CA CYS A 459 -6.00 -2.32 -0.77
C CYS A 459 -5.55 -3.60 -0.10
N ASN A 460 -5.14 -3.54 1.18
CA ASN A 460 -4.79 -4.76 1.90
C ASN A 460 -5.95 -5.76 2.02
N ASP A 461 -7.19 -5.25 1.95
CA ASP A 461 -8.38 -6.11 2.03
C ASP A 461 -8.62 -6.81 0.71
N SER A 462 -7.70 -6.63 -0.25
CA SER A 462 -7.66 -7.59 -1.36
C SER A 462 -7.45 -9.01 -0.82
N TYR A 463 -6.83 -9.13 0.36
CA TYR A 463 -6.72 -10.40 1.08
C TYR A 463 -8.09 -11.06 1.17
N SER A 464 -9.13 -10.31 1.58
CA SER A 464 -10.47 -10.89 1.69
C SER A 464 -10.98 -11.43 0.36
N LEU A 465 -10.66 -10.73 -0.73
CA LEU A 465 -11.09 -11.21 -2.04
C LEU A 465 -10.42 -12.54 -2.35
N ALA A 466 -9.15 -12.69 -2.01
CA ALA A 466 -8.49 -14.02 -2.21
C ALA A 466 -9.12 -15.10 -1.33
N VAL A 467 -9.42 -14.78 -0.08
CA VAL A 467 -10.09 -15.74 0.81
C VAL A 467 -11.44 -16.15 0.25
N ILE A 468 -12.20 -15.20 -0.26
CA ILE A 468 -13.50 -15.49 -0.88
C ILE A 468 -13.31 -16.39 -2.08
N ALA A 469 -12.37 -16.10 -2.95
CA ALA A 469 -12.12 -16.93 -4.15
C ALA A 469 -11.73 -18.33 -3.71
N LEU A 470 -10.84 -18.47 -2.72
CA LEU A 470 -10.45 -19.82 -2.27
C LEU A 470 -11.62 -20.60 -1.72
N LYS A 471 -12.49 -19.91 -1.00
CA LYS A 471 -13.67 -20.58 -0.44
C LYS A 471 -14.58 -21.07 -1.57
N LEU A 472 -14.83 -20.20 -2.55
CA LEU A 472 -15.72 -20.58 -3.65
C LEU A 472 -15.12 -21.72 -4.46
N LYS A 473 -13.80 -21.74 -4.61
CA LYS A 473 -13.14 -22.87 -5.26
C LYS A 473 -13.52 -24.17 -4.57
N GLU A 474 -13.45 -24.16 -3.24
CA GLU A 474 -13.80 -25.36 -2.48
C GLU A 474 -15.30 -25.66 -2.58
N VAL A 475 -16.17 -24.68 -2.42
CA VAL A 475 -17.62 -24.91 -2.49
C VAL A 475 -18.00 -25.52 -3.84
N PHE A 476 -17.39 -25.07 -4.93
CA PHE A 476 -17.75 -25.57 -6.26
C PHE A 476 -16.97 -26.80 -6.68
N GLY A 477 -16.09 -27.26 -5.80
CA GLY A 477 -15.33 -28.47 -6.03
C GLY A 477 -14.36 -28.43 -7.19
N LEU A 478 -13.77 -27.26 -7.40
CA LEU A 478 -12.85 -27.05 -8.51
C LEU A 478 -11.40 -27.33 -8.15
N ASP A 479 -10.68 -27.89 -9.14
CA ASP A 479 -9.28 -28.17 -8.89
C ASP A 479 -8.41 -26.93 -9.07
N ASP A 480 -8.92 -25.96 -9.81
CA ASP A 480 -8.08 -24.81 -10.15
C ASP A 480 -8.87 -23.54 -9.84
N ILE A 481 -8.29 -22.67 -9.02
CA ILE A 481 -8.97 -21.41 -8.68
C ILE A 481 -9.38 -20.61 -9.93
N ASN A 482 -8.64 -20.76 -11.02
CA ASN A 482 -8.90 -19.94 -12.19
C ASN A 482 -10.17 -20.39 -12.89
N ASP A 483 -10.69 -21.57 -12.56
CA ASP A 483 -11.94 -21.97 -13.24
C ASP A 483 -13.22 -21.40 -12.62
N LEU A 484 -13.10 -20.64 -11.54
CA LEU A 484 -14.25 -19.92 -11.02
C LEU A 484 -14.75 -18.89 -12.03
N PRO A 485 -16.01 -18.49 -11.98
CA PRO A 485 -16.54 -17.43 -12.85
C PRO A 485 -16.17 -16.08 -12.25
N VAL A 486 -14.86 -15.84 -12.25
CA VAL A 486 -14.25 -14.62 -11.74
C VAL A 486 -13.22 -14.14 -12.78
N SER A 487 -13.24 -12.87 -13.11
CA SER A 487 -12.24 -12.22 -13.95
C SER A 487 -11.51 -11.16 -13.08
N TYR A 488 -10.28 -10.84 -13.41
CA TYR A 488 -9.45 -9.91 -12.66
C TYR A 488 -9.04 -8.76 -13.57
N ASP A 489 -9.49 -7.55 -13.23
CA ASP A 489 -9.18 -6.36 -14.05
C ASP A 489 -8.70 -5.32 -13.04
N ILE A 490 -7.44 -5.47 -12.65
CA ILE A 490 -6.86 -4.75 -11.52
C ILE A 490 -6.14 -3.49 -11.97
N ALA A 491 -6.43 -2.40 -11.27
CA ALA A 491 -5.73 -1.14 -11.47
C ALA A 491 -4.59 -1.06 -10.46
N TRP A 492 -3.41 -0.60 -10.85
CA TRP A 492 -2.32 -0.41 -9.88
C TRP A 492 -1.81 0.99 -9.95
N TYR A 493 -1.14 1.43 -8.87
CA TYR A 493 -0.52 2.76 -8.86
C TYR A 493 0.83 2.63 -8.20
N GLU A 494 0.83 2.26 -6.90
CA GLU A 494 2.19 2.21 -6.26
C GLU A 494 2.51 0.81 -5.77
N GLN A 495 3.39 0.72 -4.76
CA GLN A 495 4.12 -0.49 -4.45
C GLN A 495 3.27 -1.46 -3.61
N LYS A 496 2.32 -0.97 -2.83
CA LYS A 496 1.36 -1.89 -2.17
C LYS A 496 0.59 -2.66 -3.25
N ALA A 497 0.13 -2.01 -4.30
CA ALA A 497 -0.60 -2.73 -5.37
C ALA A 497 0.28 -3.81 -5.97
N VAL A 498 1.58 -3.51 -6.13
CA VAL A 498 2.50 -4.52 -6.65
C VAL A 498 2.60 -5.71 -5.70
N ALA A 499 2.68 -5.45 -4.40
CA ALA A 499 2.65 -6.55 -3.40
C ALA A 499 1.39 -7.40 -3.54
N VAL A 500 0.24 -6.73 -3.72
CA VAL A 500 -1.02 -7.46 -3.89
C VAL A 500 -0.93 -8.34 -5.14
N LEU A 501 -0.42 -7.77 -6.23
CA LEU A 501 -0.29 -8.56 -7.45
C LEU A 501 0.57 -9.79 -7.21
N LEU A 502 1.75 -9.59 -6.55
CA LEU A 502 2.62 -10.75 -6.30
C LEU A 502 1.95 -11.77 -5.41
N ALA A 503 1.15 -11.35 -4.45
CA ALA A 503 0.36 -12.32 -3.65
C ALA A 503 -0.56 -13.15 -4.54
N LEU A 504 -1.29 -12.47 -5.45
CA LEU A 504 -2.21 -13.19 -6.37
C LEU A 504 -1.42 -14.14 -7.25
N LEU A 505 -0.25 -13.76 -7.76
CA LEU A 505 0.55 -14.69 -8.58
C LEU A 505 1.03 -15.87 -7.76
N PHE A 506 1.40 -15.66 -6.49
CA PHE A 506 1.81 -16.74 -5.60
C PHE A 506 0.64 -17.70 -5.42
N LEU A 507 -0.58 -17.15 -5.34
CA LEU A 507 -1.79 -17.95 -5.16
C LEU A 507 -2.23 -18.61 -6.47
N GLY A 508 -1.54 -18.37 -7.57
CA GLY A 508 -1.78 -19.08 -8.79
C GLY A 508 -2.83 -18.47 -9.68
N VAL A 509 -3.17 -17.21 -9.45
CA VAL A 509 -4.16 -16.55 -10.29
C VAL A 509 -3.54 -16.18 -11.62
N LYS A 510 -4.12 -16.64 -12.72
CA LYS A 510 -3.56 -16.41 -14.06
C LYS A 510 -4.51 -15.57 -14.88
N GLY A 511 -4.01 -14.88 -15.92
CA GLY A 511 -4.95 -14.17 -16.81
C GLY A 511 -5.30 -12.78 -16.25
N ILE A 512 -4.61 -12.28 -15.22
CA ILE A 512 -4.93 -10.95 -14.71
C ILE A 512 -4.67 -9.85 -15.74
N ARG A 513 -5.63 -8.94 -15.89
CA ARG A 513 -5.44 -7.69 -16.62
C ARG A 513 -4.95 -6.65 -15.62
N LEU A 514 -3.83 -6.04 -15.96
CA LEU A 514 -3.19 -5.07 -15.09
C LEU A 514 -3.06 -3.75 -15.84
N GLY A 515 -3.52 -2.63 -15.26
CA GLY A 515 -3.50 -1.38 -15.98
C GLY A 515 -3.59 -0.18 -15.06
N PRO A 516 -3.74 1.01 -15.63
CA PRO A 516 -3.99 1.20 -17.07
C PRO A 516 -2.77 1.11 -17.99
N THR A 517 -1.58 0.96 -17.44
CA THR A 517 -0.39 0.63 -18.20
C THR A 517 0.35 -0.46 -17.42
N LEU A 518 1.34 -1.09 -18.05
CA LEU A 518 2.15 -2.08 -17.34
C LEU A 518 3.38 -1.44 -16.72
N PRO A 519 3.95 -1.99 -15.64
CA PRO A 519 5.16 -1.42 -15.02
C PRO A 519 6.36 -1.18 -15.93
N ALA A 520 7.02 -0.05 -15.73
CA ALA A 520 8.25 0.24 -16.46
C ALA A 520 9.39 -0.66 -15.99
N PHE A 521 9.22 -1.23 -14.79
CA PHE A 521 10.33 -1.98 -14.18
C PHE A 521 10.28 -3.46 -14.56
N LEU A 522 9.50 -3.81 -15.59
CA LEU A 522 9.58 -5.16 -16.18
C LEU A 522 10.40 -5.09 -17.48
N SER A 523 11.62 -5.66 -17.52
CA SER A 523 12.34 -5.75 -18.79
C SER A 523 11.60 -6.65 -19.79
N PRO A 524 11.94 -6.58 -21.06
CA PRO A 524 11.32 -7.50 -22.03
C PRO A 524 11.36 -8.97 -21.62
N ASN A 525 12.48 -9.43 -21.13
CA ASN A 525 12.58 -10.83 -20.76
C ASN A 525 11.80 -11.18 -19.51
N VAL A 526 11.74 -10.26 -18.55
CA VAL A 526 10.98 -10.48 -17.31
C VAL A 526 9.49 -10.44 -17.61
N ALA A 527 9.08 -9.49 -18.47
CA ALA A 527 7.69 -9.44 -18.95
C ALA A 527 7.32 -10.79 -19.56
N LYS A 528 8.20 -11.35 -20.38
CA LYS A 528 7.90 -12.64 -21.00
C LYS A 528 7.76 -13.75 -19.98
N VAL A 529 8.61 -13.76 -18.95
CA VAL A 529 8.45 -14.80 -17.91
C VAL A 529 7.07 -14.72 -17.28
N LEU A 530 6.62 -13.50 -16.97
CA LEU A 530 5.35 -13.33 -16.26
C LEU A 530 4.19 -13.66 -17.17
N VAL A 531 4.34 -13.39 -18.48
CA VAL A 531 3.34 -13.79 -19.47
C VAL A 531 3.31 -15.33 -19.57
N GLU A 532 4.48 -15.94 -19.72
CA GLU A 532 4.46 -17.42 -19.86
C GLU A 532 4.00 -18.10 -18.59
N ASN A 533 4.34 -17.60 -17.41
CA ASN A 533 3.99 -18.30 -16.17
C ASN A 533 2.60 -17.91 -15.69
N PHE A 534 2.16 -16.67 -15.99
CA PHE A 534 0.93 -16.20 -15.35
C PHE A 534 -0.07 -15.57 -16.29
N ASN A 535 0.24 -15.46 -17.55
CA ASN A 535 -0.65 -14.90 -18.55
C ASN A 535 -1.15 -13.52 -18.14
N ILE A 536 -0.24 -12.69 -17.59
CA ILE A 536 -0.64 -11.31 -17.29
C ILE A 536 -0.89 -10.58 -18.60
N LYS A 537 -1.88 -9.71 -18.60
CA LYS A 537 -2.32 -8.97 -19.77
C LYS A 537 -2.45 -7.48 -19.54
N PRO A 538 -2.21 -6.66 -20.53
CA PRO A 538 -2.54 -5.24 -20.46
C PRO A 538 -4.03 -5.05 -20.71
N ILE A 539 -4.54 -3.87 -20.39
CA ILE A 539 -5.94 -3.63 -20.76
C ILE A 539 -6.01 -3.37 -22.24
N GLY A 540 -7.20 -3.55 -22.77
CA GLY A 540 -7.57 -3.28 -24.17
C GLY A 540 -8.72 -2.31 -24.17
N THR A 541 -9.56 -2.28 -25.22
CA THR A 541 -10.75 -1.44 -25.18
C THR A 541 -11.75 -2.02 -24.17
N VAL A 542 -12.63 -1.11 -23.71
CA VAL A 542 -13.67 -1.49 -22.78
C VAL A 542 -14.50 -2.60 -23.39
N GLN A 543 -14.93 -2.42 -24.64
CA GLN A 543 -15.82 -3.42 -25.23
C GLN A 543 -15.06 -4.72 -25.40
N ASP A 544 -13.81 -4.66 -25.86
CA ASP A 544 -13.08 -5.92 -26.05
C ASP A 544 -12.83 -6.65 -24.73
N ASP A 545 -12.44 -5.87 -23.71
CA ASP A 545 -12.13 -6.57 -22.45
C ASP A 545 -13.38 -7.15 -21.80
N ILE A 546 -14.50 -6.43 -21.86
CA ILE A 546 -15.72 -6.97 -21.27
C ILE A 546 -16.09 -8.27 -21.97
N ALA A 547 -16.05 -8.23 -23.33
CA ALA A 547 -16.42 -9.45 -24.03
C ALA A 547 -15.46 -10.58 -23.72
N ALA A 548 -14.17 -10.34 -23.60
CA ALA A 548 -13.25 -11.45 -23.27
C ALA A 548 -13.50 -11.97 -21.85
N MET A 549 -13.65 -11.03 -20.89
CA MET A 549 -13.87 -11.49 -19.51
C MET A 549 -15.15 -12.32 -19.40
N MET A 550 -16.23 -11.90 -20.10
CA MET A 550 -17.49 -12.64 -20.03
C MET A 550 -17.32 -14.06 -20.60
N ALA A 551 -16.34 -14.21 -21.49
CA ALA A 551 -16.00 -15.54 -22.02
C ALA A 551 -14.99 -16.26 -21.14
N GLY A 552 -14.59 -15.68 -20.00
CA GLY A 552 -13.60 -16.30 -19.13
C GLY A 552 -12.18 -16.18 -19.65
N LYS A 553 -11.95 -15.21 -20.53
CA LYS A 553 -10.66 -14.98 -21.16
C LYS A 553 -10.19 -13.54 -21.01
#